data_4HJI
#
_entry.id   4HJI
#
_cell.length_a   29.990
_cell.length_b   46.870
_cell.length_c   51.270
_cell.angle_alpha   83.72
_cell.angle_beta   89.95
_cell.angle_gamma   74.58
#
_symmetry.space_group_name_H-M   'P 1'
#
loop_
_entity.id
_entity.type
_entity.pdbx_description
1 polymer 'CS1 fimbrial subunit A'
2 non-polymer IMIDAZOLE
3 non-polymer 'SODIUM ION'
4 water water
#
_entity_poly.entity_id   1
_entity_poly.type   'polypeptide(L)'
_entity_poly.pdbx_seq_one_letter_code
;MGSSHHHHHHSSGLVPRGSHMDPTVDLLQSDGSALPNSVALTYSPAVNNFEAHTINTVVHTNDSDKGVVVKLSADPVLSN
VLNPTLQIPVSVNFAGKPLSTTGITIDSNDLNFASSGVNKVSSTQKLSIHADATRVTGGALTAGQYQGLVSIILTKSTDN
KQVEKTISVTASVDP
;
_entity_poly.pdbx_strand_id   A,B
#
loop_
_chem_comp.id
_chem_comp.type
_chem_comp.name
_chem_comp.formula
IMD non-polymer IMIDAZOLE 'C3 H5 N2 1'
NA non-polymer 'SODIUM ION' 'Na 1'
#
# COMPACT_ATOMS: atom_id res chain seq x y z
N ASP A 22 12.12 -5.67 -15.95
CA ASP A 22 13.25 -4.87 -15.40
C ASP A 22 13.10 -3.42 -15.80
N PRO A 23 12.79 -2.55 -14.83
CA PRO A 23 12.67 -1.09 -15.02
C PRO A 23 13.94 -0.44 -15.55
N THR A 24 13.81 0.66 -16.28
CA THR A 24 14.96 1.48 -16.73
C THR A 24 15.46 2.42 -15.63
N VAL A 25 14.55 2.81 -14.75
CA VAL A 25 14.84 3.74 -13.66
C VAL A 25 14.24 3.19 -12.38
N ASP A 26 14.76 3.60 -11.22
CA ASP A 26 14.12 3.28 -9.96
C ASP A 26 14.40 4.33 -8.91
N LEU A 27 13.61 4.31 -7.86
CA LEU A 27 13.79 5.21 -6.72
C LEU A 27 13.97 4.32 -5.49
N LEU A 28 15.16 4.39 -4.92
CA LEU A 28 15.54 3.57 -3.78
C LEU A 28 15.85 4.46 -2.58
N GLN A 29 15.92 3.88 -1.39
CA GLN A 29 16.42 4.65 -0.24
C GLN A 29 17.90 4.90 -0.43
N SER A 30 18.42 5.86 0.33
CA SER A 30 19.81 6.25 0.18
C SER A 30 20.82 5.17 0.56
N ASP A 31 20.38 4.16 1.32
CA ASP A 31 21.22 3.01 1.65
C ASP A 31 21.09 1.86 0.66
N GLY A 32 20.31 2.05 -0.40
CA GLY A 32 20.19 1.03 -1.43
C GLY A 32 19.01 0.11 -1.23
N SER A 33 18.31 0.25 -0.10
CA SER A 33 17.11 -0.53 0.16
C SER A 33 15.90 0.01 -0.59
N ALA A 34 14.96 -0.90 -0.85
CA ALA A 34 13.69 -0.51 -1.45
C ALA A 34 13.01 0.61 -0.68
N LEU A 35 12.27 1.43 -1.42
CA LEU A 35 11.50 2.46 -0.82
C LEU A 35 10.48 1.83 0.14
N PRO A 36 10.21 2.46 1.30
CA PRO A 36 9.15 1.89 2.15
C PRO A 36 7.81 1.83 1.43
N ASN A 37 7.04 0.79 1.68
CA ASN A 37 5.69 0.70 1.11
C ASN A 37 4.62 1.16 2.09
N SER A 38 5.03 1.55 3.29
N SER A 38 5.01 1.58 3.28
CA SER A 38 4.15 2.02 4.35
CA SER A 38 4.08 2.15 4.22
C SER A 38 4.82 3.16 5.12
C SER A 38 4.75 3.09 5.22
N VAL A 39 4.04 4.16 5.53
CA VAL A 39 4.53 5.28 6.34
C VAL A 39 3.44 5.61 7.37
N ALA A 40 3.80 5.73 8.64
CA ALA A 40 2.87 6.21 9.65
C ALA A 40 3.32 7.61 10.04
N LEU A 41 2.46 8.59 9.86
CA LEU A 41 2.78 9.97 10.21
C LEU A 41 2.61 10.23 11.69
N THR A 42 3.36 11.21 12.18
CA THR A 42 3.31 11.56 13.58
C THR A 42 2.48 12.83 13.77
N TYR A 43 1.49 12.76 14.65
CA TYR A 43 0.66 13.93 14.95
C TYR A 43 1.31 14.79 16.03
N SER A 44 1.12 16.11 15.91
CA SER A 44 1.63 17.07 16.88
C SER A 44 0.44 17.85 17.42
N PRO A 45 -0.05 17.48 18.61
CA PRO A 45 -1.25 18.10 19.18
C PRO A 45 -1.20 19.60 19.40
N ALA A 46 0.00 20.19 19.57
CA ALA A 46 0.10 21.63 19.83
C ALA A 46 -0.30 22.48 18.63
N VAL A 47 -0.19 21.92 17.42
CA VAL A 47 -0.54 22.63 16.20
C VAL A 47 -1.67 21.98 15.42
N ASN A 48 -2.26 20.93 16.01
CA ASN A 48 -3.29 20.17 15.36
C ASN A 48 -2.90 19.79 13.94
N ASN A 49 -1.67 19.30 13.78
CA ASN A 49 -1.16 18.93 12.46
C ASN A 49 -0.07 17.86 12.55
N PHE A 50 0.26 17.31 11.39
CA PHE A 50 1.21 16.23 11.29
C PHE A 50 2.58 16.72 10.97
N GLU A 51 3.58 16.00 11.47
CA GLU A 51 4.96 16.27 11.14
C GLU A 51 5.19 15.85 9.69
N ALA A 52 6.08 16.56 9.00
CA ALA A 52 6.50 16.07 7.69
C ALA A 52 7.23 14.76 7.86
N HIS A 53 7.08 13.89 6.89
CA HIS A 53 7.84 12.64 6.87
C HIS A 53 8.79 12.65 5.69
N THR A 54 10.09 12.61 5.99
CA THR A 54 11.13 12.72 4.98
C THR A 54 11.89 11.41 4.82
N ILE A 55 12.05 11.02 3.57
CA ILE A 55 12.74 9.79 3.16
C ILE A 55 13.92 10.23 2.28
N ASN A 56 15.13 9.88 2.70
CA ASN A 56 16.32 10.07 1.90
C ASN A 56 16.37 9.00 0.81
N THR A 57 16.46 9.44 -0.45
CA THR A 57 16.37 8.52 -1.59
C THR A 57 17.48 8.77 -2.60
N VAL A 58 17.64 7.83 -3.53
CA VAL A 58 18.49 8.02 -4.69
C VAL A 58 17.79 7.48 -5.91
N VAL A 59 18.04 8.11 -7.06
CA VAL A 59 17.52 7.67 -8.33
C VAL A 59 18.56 6.78 -9.00
N HIS A 60 18.12 5.59 -9.44
CA HIS A 60 18.93 4.70 -10.26
C HIS A 60 18.48 4.77 -11.70
N THR A 61 19.42 4.85 -12.62
CA THR A 61 19.06 4.86 -14.03
C THR A 61 20.04 4.05 -14.85
N ASN A 62 19.57 3.61 -16.01
CA ASN A 62 20.45 2.99 -17.03
C ASN A 62 20.95 3.98 -18.08
N ASP A 63 20.62 5.27 -17.92
CA ASP A 63 21.15 6.31 -18.79
C ASP A 63 21.33 7.62 -18.03
N SER A 64 22.58 7.92 -17.71
CA SER A 64 22.96 9.09 -16.94
C SER A 64 22.86 10.40 -17.73
N ASP A 65 22.68 10.30 -19.04
CA ASP A 65 22.44 11.48 -19.88
C ASP A 65 21.00 11.96 -19.79
N LYS A 66 20.11 11.06 -19.41
CA LYS A 66 18.69 11.38 -19.25
C LYS A 66 18.37 11.78 -17.81
N GLY A 67 17.36 12.64 -17.68
CA GLY A 67 16.80 12.98 -16.40
C GLY A 67 15.65 12.05 -16.08
N VAL A 68 14.80 12.45 -15.14
CA VAL A 68 13.61 11.67 -14.82
C VAL A 68 12.40 12.56 -14.72
N VAL A 69 11.26 12.01 -15.10
CA VAL A 69 9.98 12.67 -14.97
C VAL A 69 9.29 12.03 -13.81
N VAL A 70 8.78 12.85 -12.89
CA VAL A 70 8.17 12.37 -11.67
C VAL A 70 6.82 13.00 -11.47
N LYS A 71 5.85 12.17 -11.15
CA LYS A 71 4.50 12.64 -10.90
C LYS A 71 3.80 11.71 -9.92
N LEU A 72 2.61 12.12 -9.48
CA LEU A 72 1.72 11.28 -8.69
C LEU A 72 0.64 10.73 -9.60
N SER A 73 0.17 9.52 -9.35
N SER A 73 0.18 9.52 -9.30
CA SER A 73 -0.90 8.95 -10.18
CA SER A 73 -0.88 8.87 -10.05
C SER A 73 -2.26 9.50 -9.80
C SER A 73 -2.24 9.50 -9.79
N ALA A 74 -2.36 10.11 -8.62
CA ALA A 74 -3.61 10.68 -8.16
C ALA A 74 -3.26 11.64 -7.05
N ASP A 75 -4.14 12.62 -6.83
CA ASP A 75 -4.03 13.52 -5.70
C ASP A 75 -4.17 12.72 -4.44
N PRO A 76 -3.10 12.64 -3.64
CA PRO A 76 -3.20 11.83 -2.44
C PRO A 76 -3.98 12.52 -1.32
N VAL A 77 -4.86 11.75 -0.69
CA VAL A 77 -5.64 12.19 0.43
C VAL A 77 -5.70 11.08 1.48
N LEU A 78 -5.75 11.45 2.75
CA LEU A 78 -5.99 10.47 3.82
C LEU A 78 -7.44 10.60 4.26
N SER A 79 -8.16 9.50 4.13
CA SER A 79 -9.57 9.41 4.48
C SER A 79 -9.72 8.83 5.88
N ASN A 80 -10.59 9.44 6.69
CA ASN A 80 -10.94 8.89 7.99
C ASN A 80 -11.51 7.49 7.80
N VAL A 81 -11.05 6.55 8.62
CA VAL A 81 -11.45 5.14 8.41
C VAL A 81 -12.91 4.85 8.74
N LEU A 82 -13.57 5.70 9.54
CA LEU A 82 -14.98 5.52 9.87
C LEU A 82 -15.88 6.35 8.97
N ASN A 83 -15.37 7.49 8.50
CA ASN A 83 -16.09 8.34 7.54
C ASN A 83 -15.14 8.81 6.43
N PRO A 84 -15.02 8.02 5.35
CA PRO A 84 -14.08 8.33 4.27
C PRO A 84 -14.38 9.64 3.51
N THR A 85 -15.54 10.23 3.76
CA THR A 85 -15.83 11.56 3.24
C THR A 85 -14.95 12.61 3.91
N LEU A 86 -14.52 12.32 5.14
CA LEU A 86 -13.67 13.21 5.91
C LEU A 86 -12.19 13.00 5.53
N GLN A 87 -11.58 14.00 4.91
CA GLN A 87 -10.35 13.82 4.17
C GLN A 87 -9.31 14.88 4.46
N ILE A 88 -8.05 14.44 4.61
CA ILE A 88 -6.91 15.33 4.86
C ILE A 88 -6.04 15.34 3.61
N PRO A 89 -5.83 16.52 2.98
CA PRO A 89 -5.00 16.53 1.77
C PRO A 89 -3.53 16.29 2.06
N VAL A 90 -2.85 15.62 1.13
CA VAL A 90 -1.43 15.29 1.29
C VAL A 90 -0.66 15.94 0.16
N SER A 91 0.48 16.55 0.53
CA SER A 91 1.43 17.12 -0.41
C SER A 91 2.69 16.26 -0.40
N VAL A 92 3.32 16.12 -1.57
CA VAL A 92 4.54 15.36 -1.71
C VAL A 92 5.57 16.18 -2.45
N ASN A 93 6.77 16.27 -1.87
CA ASN A 93 7.86 17.02 -2.49
C ASN A 93 8.97 16.02 -2.83
N PHE A 94 9.62 16.23 -3.95
CA PHE A 94 10.75 15.41 -4.34
C PHE A 94 11.84 16.29 -4.91
N ALA A 95 13.08 16.09 -4.44
CA ALA A 95 14.20 16.88 -4.90
C ALA A 95 13.90 18.37 -4.82
N GLY A 96 13.17 18.79 -3.78
CA GLY A 96 12.89 20.20 -3.53
C GLY A 96 11.82 20.80 -4.43
N LYS A 97 11.07 19.97 -5.15
CA LYS A 97 9.97 20.38 -6.02
C LYS A 97 8.66 19.67 -5.60
N PRO A 98 7.54 20.40 -5.56
CA PRO A 98 6.26 19.75 -5.25
C PRO A 98 5.81 18.89 -6.43
N LEU A 99 5.30 17.71 -6.12
CA LEU A 99 4.76 16.83 -7.13
C LEU A 99 3.25 17.03 -7.27
N SER A 100 2.73 16.64 -8.42
CA SER A 100 1.30 16.67 -8.70
C SER A 100 1.04 15.58 -9.75
N THR A 101 -0.19 15.56 -10.28
CA THR A 101 -0.52 14.60 -11.34
C THR A 101 0.06 15.06 -12.69
N THR A 102 0.63 16.26 -12.76
CA THR A 102 1.38 16.69 -13.91
C THR A 102 2.84 16.42 -13.70
N GLY A 103 3.45 15.71 -14.65
CA GLY A 103 4.85 15.34 -14.50
C GLY A 103 5.77 16.54 -14.47
N ILE A 104 6.79 16.46 -13.61
CA ILE A 104 7.90 17.40 -13.65
C ILE A 104 9.18 16.66 -14.02
N THR A 105 10.05 17.33 -14.76
CA THR A 105 11.32 16.77 -15.17
C THR A 105 12.41 17.29 -14.26
N ILE A 106 13.23 16.38 -13.77
CA ILE A 106 14.43 16.73 -13.02
C ILE A 106 15.62 16.43 -13.94
N ASP A 107 16.33 17.48 -14.37
CA ASP A 107 17.45 17.34 -15.30
C ASP A 107 18.55 16.47 -14.71
N SER A 108 19.23 15.72 -15.56
CA SER A 108 20.36 14.90 -15.14
C SER A 108 21.44 15.70 -14.38
N ASN A 109 21.71 16.95 -14.79
CA ASN A 109 22.72 17.73 -14.08
C ASN A 109 22.40 18.00 -12.59
N ASP A 110 21.10 18.10 -12.27
N ASP A 110 21.11 18.09 -12.27
CA ASP A 110 20.63 18.32 -10.91
CA ASP A 110 20.69 18.32 -10.89
C ASP A 110 20.63 17.04 -10.07
C ASP A 110 20.60 17.03 -10.06
N LEU A 111 20.77 15.88 -10.70
CA LEU A 111 20.83 14.59 -9.99
C LEU A 111 22.25 14.16 -9.64
N ASN A 112 23.26 14.80 -10.25
CA ASN A 112 24.66 14.55 -9.90
C ASN A 112 25.00 13.05 -9.92
N PHE A 113 24.78 12.41 -11.05
CA PHE A 113 24.87 10.95 -11.17
C PHE A 113 26.31 10.47 -10.97
N ALA A 114 26.48 9.51 -10.06
CA ALA A 114 27.77 8.83 -9.85
C ALA A 114 27.69 7.43 -10.46
N SER A 115 28.83 6.94 -10.95
CA SER A 115 28.90 5.64 -11.60
C SER A 115 28.91 4.52 -10.56
N SER A 116 27.91 3.64 -10.65
CA SER A 116 27.80 2.47 -9.79
C SER A 116 27.68 1.21 -10.65
N GLY A 117 28.78 0.46 -10.70
CA GLY A 117 28.93 -0.62 -11.67
C GLY A 117 28.72 -0.11 -13.08
N VAL A 118 27.76 -0.69 -13.78
CA VAL A 118 27.46 -0.28 -15.17
C VAL A 118 26.34 0.75 -15.24
N ASN A 119 25.65 0.95 -14.13
CA ASN A 119 24.63 1.96 -14.03
C ASN A 119 25.01 3.07 -13.06
N LYS A 120 24.07 3.96 -12.79
CA LYS A 120 24.36 5.29 -12.31
C LYS A 120 23.37 5.62 -11.22
N VAL A 121 23.86 6.26 -10.16
CA VAL A 121 23.01 6.58 -9.01
C VAL A 121 23.17 8.05 -8.69
N SER A 122 22.06 8.70 -8.39
CA SER A 122 22.04 10.13 -8.09
C SER A 122 22.60 10.40 -6.69
N SER A 123 22.96 11.65 -6.42
CA SER A 123 23.19 12.07 -5.05
C SER A 123 21.85 11.99 -4.30
N THR A 124 21.91 12.12 -2.97
CA THR A 124 20.71 11.99 -2.16
C THR A 124 19.68 13.08 -2.47
N GLN A 125 18.44 12.63 -2.65
CA GLN A 125 17.28 13.47 -2.89
C GLN A 125 16.22 13.23 -1.82
N LYS A 126 15.66 14.32 -1.32
CA LYS A 126 14.64 14.24 -0.30
C LYS A 126 13.28 13.97 -0.91
N LEU A 127 12.59 12.95 -0.39
CA LEU A 127 11.20 12.71 -0.68
C LEU A 127 10.41 12.96 0.61
N SER A 128 9.53 13.95 0.61
CA SER A 128 8.77 14.32 1.83
C SER A 128 7.26 14.25 1.63
N ILE A 129 6.57 13.70 2.63
CA ILE A 129 5.12 13.52 2.64
C ILE A 129 4.55 14.43 3.74
N HIS A 130 3.56 15.25 3.38
CA HIS A 130 3.03 16.38 4.20
C HIS A 130 1.50 16.31 4.27
N ALA A 131 0.93 15.65 5.28
CA ALA A 131 -0.52 15.71 5.50
C ALA A 131 -0.89 17.00 6.20
N ASP A 132 -1.79 17.78 5.60
CA ASP A 132 -2.17 19.09 6.13
C ASP A 132 -3.55 19.10 6.80
N ALA A 133 -3.55 18.95 8.12
CA ALA A 133 -4.81 18.82 8.84
C ALA A 133 -5.49 20.19 9.01
N THR A 134 -4.82 21.27 8.63
CA THR A 134 -5.51 22.56 8.57
C THR A 134 -6.50 22.69 7.39
N ARG A 135 -6.41 21.77 6.43
CA ARG A 135 -7.30 21.77 5.25
C ARG A 135 -8.18 20.52 5.11
N VAL A 136 -8.58 19.94 6.24
CA VAL A 136 -9.52 18.82 6.23
C VAL A 136 -10.82 19.19 5.50
N THR A 137 -11.35 18.26 4.71
CA THR A 137 -12.58 18.47 3.93
C THR A 137 -13.59 17.40 4.29
N GLY A 138 -14.86 17.70 4.06
CA GLY A 138 -15.97 16.77 4.32
C GLY A 138 -16.45 16.77 5.77
N GLY A 139 -15.93 17.70 6.57
CA GLY A 139 -16.29 17.83 7.97
C GLY A 139 -15.14 18.48 8.73
N ALA A 140 -15.22 18.44 10.06
CA ALA A 140 -14.20 19.03 10.92
C ALA A 140 -13.16 17.99 11.36
N LEU A 141 -12.13 18.46 12.05
CA LEU A 141 -11.02 17.61 12.47
C LEU A 141 -11.45 16.67 13.59
N THR A 142 -11.60 15.39 13.26
CA THR A 142 -12.02 14.39 14.24
C THR A 142 -10.86 13.48 14.63
N ALA A 143 -10.82 13.11 15.91
CA ALA A 143 -9.87 12.14 16.41
C ALA A 143 -10.09 10.78 15.76
N GLY A 144 -9.01 10.03 15.59
CA GLY A 144 -9.07 8.69 15.03
C GLY A 144 -8.12 8.52 13.87
N GLN A 145 -8.34 7.46 13.11
CA GLN A 145 -7.39 7.03 12.11
C GLN A 145 -7.79 7.49 10.72
N TYR A 146 -6.78 7.83 9.93
CA TYR A 146 -6.92 8.28 8.56
C TYR A 146 -5.94 7.49 7.71
N GLN A 147 -6.34 7.16 6.48
N GLN A 147 -6.33 7.15 6.48
CA GLN A 147 -5.58 6.30 5.58
CA GLN A 147 -5.51 6.32 5.60
C GLN A 147 -5.65 6.75 4.15
C GLN A 147 -5.66 6.71 4.15
N GLY A 148 -4.56 6.57 3.42
CA GLY A 148 -4.57 6.83 1.98
C GLY A 148 -3.32 6.28 1.34
N LEU A 149 -3.28 6.35 0.01
CA LEU A 149 -2.11 5.93 -0.77
C LEU A 149 -1.41 7.13 -1.40
N VAL A 150 -0.09 7.08 -1.38
CA VAL A 150 0.74 7.96 -2.18
C VAL A 150 1.34 7.09 -3.28
N SER A 151 1.06 7.46 -4.54
CA SER A 151 1.48 6.65 -5.69
C SER A 151 2.33 7.49 -6.60
N ILE A 152 3.62 7.17 -6.64
CA ILE A 152 4.62 7.98 -7.32
C ILE A 152 5.01 7.22 -8.58
N ILE A 153 5.02 7.95 -9.69
CA ILE A 153 5.37 7.39 -10.97
C ILE A 153 6.63 8.08 -11.46
N LEU A 154 7.60 7.27 -11.87
CA LEU A 154 8.86 7.77 -12.41
C LEU A 154 9.10 7.14 -13.77
N THR A 155 9.55 7.96 -14.72
CA THR A 155 10.01 7.51 -16.03
C THR A 155 11.32 8.20 -16.32
N LYS A 156 12.16 7.57 -17.13
CA LYS A 156 13.34 8.22 -17.67
C LYS A 156 12.85 9.26 -18.68
N SER A 157 13.49 10.42 -18.70
CA SER A 157 13.17 11.44 -19.73
C SER A 157 13.30 10.85 -21.13
N THR A 158 12.33 11.19 -22.00
CA THR A 158 12.23 10.68 -23.39
C THR A 158 11.77 9.22 -23.53
N ASP A 159 11.54 8.55 -22.41
CA ASP A 159 11.07 7.18 -22.44
C ASP A 159 9.68 7.11 -21.81
N ASN A 160 8.96 6.02 -22.05
CA ASN A 160 7.59 5.89 -21.55
C ASN A 160 7.38 4.87 -20.44
N LYS A 161 8.37 4.02 -20.20
CA LYS A 161 8.21 2.90 -19.24
C LYS A 161 8.10 3.41 -17.81
N GLN A 162 6.94 3.17 -17.19
CA GLN A 162 6.65 3.70 -15.87
C GLN A 162 7.11 2.73 -14.78
N VAL A 163 7.68 3.31 -13.74
CA VAL A 163 7.90 2.61 -12.48
C VAL A 163 7.01 3.24 -11.45
N GLU A 164 6.18 2.44 -10.79
CA GLU A 164 5.24 2.96 -9.80
C GLU A 164 5.68 2.56 -8.39
N LYS A 165 5.74 3.54 -7.50
CA LYS A 165 6.02 3.32 -6.07
C LYS A 165 4.76 3.62 -5.29
N THR A 166 4.24 2.62 -4.60
CA THR A 166 3.02 2.71 -3.81
C THR A 166 3.46 2.85 -2.37
N ILE A 167 2.96 3.88 -1.67
CA ILE A 167 3.19 4.04 -0.24
C ILE A 167 1.86 4.16 0.48
N SER A 168 1.56 3.20 1.34
CA SER A 168 0.34 3.25 2.15
C SER A 168 0.63 4.13 3.35
N VAL A 169 -0.13 5.23 3.47
CA VAL A 169 0.05 6.20 4.54
C VAL A 169 -1.08 6.10 5.56
N THR A 170 -0.69 6.11 6.83
CA THR A 170 -1.63 6.12 7.92
C THR A 170 -1.28 7.24 8.87
N ALA A 171 -2.29 7.72 9.56
CA ALA A 171 -2.12 8.91 10.41
C ALA A 171 -3.25 8.93 11.41
N SER A 172 -2.89 9.08 12.68
CA SER A 172 -3.88 9.14 13.74
C SER A 172 -3.91 10.51 14.36
N VAL A 173 -5.10 11.10 14.42
CA VAL A 173 -5.33 12.37 15.13
C VAL A 173 -5.69 12.07 16.58
N ASP A 174 -5.04 12.80 17.50
CA ASP A 174 -5.16 12.59 18.94
C ASP A 174 -6.40 13.26 19.51
N PRO A 175 -7.10 12.57 20.43
CA PRO A 175 -8.25 13.15 21.11
C PRO A 175 -8.65 12.32 22.32
N PRO B 23 -19.06 2.33 -5.17
CA PRO B 23 -19.13 0.89 -5.49
C PRO B 23 -20.45 0.23 -5.05
N THR B 24 -20.68 -1.00 -5.52
CA THR B 24 -21.89 -1.79 -5.17
C THR B 24 -21.65 -2.73 -4.00
N VAL B 25 -20.39 -3.06 -3.78
CA VAL B 25 -20.02 -3.90 -2.65
C VAL B 25 -18.81 -3.26 -1.99
N ASP B 26 -18.48 -3.72 -0.80
CA ASP B 26 -17.28 -3.28 -0.12
C ASP B 26 -16.92 -4.29 0.95
N LEU B 27 -15.66 -4.27 1.36
CA LEU B 27 -15.17 -5.10 2.43
C LEU B 27 -14.64 -4.14 3.51
N LEU B 28 -15.23 -4.24 4.69
CA LEU B 28 -14.86 -3.38 5.83
C LEU B 28 -14.44 -4.21 7.00
N GLN B 29 -13.94 -3.54 8.03
CA GLN B 29 -13.69 -4.26 9.27
C GLN B 29 -15.02 -4.52 9.96
N SER B 30 -15.03 -5.44 10.91
CA SER B 30 -16.26 -5.80 11.60
C SER B 30 -16.87 -4.68 12.43
N ASP B 31 -16.09 -3.65 12.79
CA ASP B 31 -16.62 -2.49 13.49
C ASP B 31 -17.05 -1.38 12.53
N GLY B 32 -17.01 -1.67 11.24
CA GLY B 32 -17.45 -0.73 10.21
C GLY B 32 -16.38 0.22 9.71
N SER B 33 -15.16 0.13 10.23
CA SER B 33 -14.07 0.96 9.75
C SER B 33 -13.48 0.39 8.47
N ALA B 34 -12.82 1.25 7.71
CA ALA B 34 -12.15 0.81 6.49
C ALA B 34 -11.17 -0.31 6.78
N LEU B 35 -10.99 -1.21 5.82
CA LEU B 35 -9.91 -2.19 5.92
C LEU B 35 -8.58 -1.49 6.12
N PRO B 36 -7.70 -2.05 6.95
CA PRO B 36 -6.37 -1.46 6.99
C PRO B 36 -5.65 -1.46 5.64
N ASN B 37 -4.84 -0.42 5.38
CA ASN B 37 -4.06 -0.36 4.15
C ASN B 37 -2.62 -0.82 4.35
N SER B 38 -2.30 -1.23 5.58
CA SER B 38 -1.00 -1.79 5.84
C SER B 38 -1.06 -2.76 7.00
N VAL B 39 -0.20 -3.78 6.93
N VAL B 39 -0.22 -3.79 6.93
CA VAL B 39 -0.14 -4.84 7.91
CA VAL B 39 -0.14 -4.77 8.00
C VAL B 39 1.34 -5.13 8.17
C VAL B 39 1.32 -5.11 8.19
N ALA B 40 1.73 -5.19 9.45
CA ALA B 40 3.06 -5.63 9.81
C ALA B 40 2.96 -7.05 10.40
N LEU B 41 3.63 -8.03 9.80
CA LEU B 41 3.61 -9.41 10.32
C LEU B 41 4.71 -9.58 11.34
N THR B 42 4.42 -10.38 12.38
CA THR B 42 5.36 -10.66 13.43
C THR B 42 6.10 -11.96 13.11
N TYR B 43 7.42 -11.90 13.11
CA TYR B 43 8.23 -13.09 12.95
C TYR B 43 8.48 -13.71 14.32
N SER B 44 8.41 -15.04 14.38
CA SER B 44 8.60 -15.78 15.64
C SER B 44 9.76 -16.74 15.50
N PRO B 45 10.88 -16.45 16.19
CA PRO B 45 11.97 -17.42 16.26
C PRO B 45 11.56 -18.81 16.77
N ALA B 46 10.51 -18.87 17.60
CA ALA B 46 10.08 -20.12 18.24
C ALA B 46 9.41 -21.14 17.31
N VAL B 47 8.62 -20.69 16.33
CA VAL B 47 7.91 -21.62 15.44
C VAL B 47 8.50 -21.66 14.02
N ASN B 48 9.69 -21.05 13.86
CA ASN B 48 10.35 -20.94 12.55
C ASN B 48 9.49 -20.33 11.42
N ASN B 49 8.69 -19.31 11.71
CA ASN B 49 7.84 -18.68 10.69
C ASN B 49 7.23 -17.35 11.13
N PHE B 50 6.46 -16.75 10.24
CA PHE B 50 5.66 -15.60 10.57
C PHE B 50 4.34 -16.02 11.18
N GLU B 51 3.78 -15.16 12.03
CA GLU B 51 2.45 -15.39 12.59
C GLU B 51 1.42 -14.96 11.57
N ALA B 52 0.37 -15.77 11.38
CA ALA B 52 -0.74 -15.33 10.53
C ALA B 52 -1.39 -14.10 11.14
N HIS B 53 -1.77 -13.15 10.29
CA HIS B 53 -2.50 -11.96 10.70
C HIS B 53 -3.94 -12.10 10.22
N THR B 54 -4.87 -12.05 11.17
CA THR B 54 -6.29 -12.17 10.90
C THR B 54 -7.04 -10.85 11.17
N ILE B 55 -7.89 -10.49 10.23
CA ILE B 55 -8.70 -9.24 10.26
C ILE B 55 -10.14 -9.73 10.23
N ASN B 56 -10.93 -9.37 11.23
CA ASN B 56 -12.36 -9.59 11.20
C ASN B 56 -13.01 -8.58 10.28
N THR B 57 -13.83 -9.06 9.34
CA THR B 57 -14.39 -8.20 8.28
C THR B 57 -15.87 -8.47 8.08
N VAL B 58 -16.56 -7.52 7.45
CA VAL B 58 -17.90 -7.76 6.95
C VAL B 58 -17.96 -7.30 5.50
N VAL B 59 -18.78 -7.98 4.72
CA VAL B 59 -19.08 -7.58 3.37
C VAL B 59 -20.34 -6.71 3.35
N HIS B 60 -20.27 -5.58 2.65
CA HIS B 60 -21.40 -4.70 2.41
C HIS B 60 -21.85 -4.88 0.97
N THR B 61 -23.15 -4.87 0.77
CA THR B 61 -23.71 -4.98 -0.58
C THR B 61 -25.02 -4.25 -0.68
N ASN B 62 -25.36 -3.88 -1.91
CA ASN B 62 -26.65 -3.30 -2.24
C ASN B 62 -27.67 -4.35 -2.67
N ASP B 63 -27.26 -5.62 -2.75
CA ASP B 63 -28.17 -6.72 -3.14
C ASP B 63 -27.85 -8.01 -2.38
N SER B 64 -28.70 -8.26 -1.38
CA SER B 64 -28.67 -9.40 -0.49
C SER B 64 -28.82 -10.76 -1.18
N ASP B 65 -29.35 -10.78 -2.40
CA ASP B 65 -29.59 -12.03 -3.14
C ASP B 65 -28.42 -12.40 -4.03
N LYS B 66 -27.42 -11.52 -4.12
CA LYS B 66 -26.20 -11.78 -4.86
C LYS B 66 -25.07 -12.09 -3.89
N GLY B 67 -24.18 -12.97 -4.32
CA GLY B 67 -22.95 -13.24 -3.57
C GLY B 67 -21.87 -12.24 -3.95
N VAL B 68 -20.63 -12.59 -3.63
CA VAL B 68 -19.47 -11.83 -4.08
C VAL B 68 -18.44 -12.75 -4.70
N VAL B 69 -17.71 -12.21 -5.67
CA VAL B 69 -16.57 -12.86 -6.28
C VAL B 69 -15.34 -12.14 -5.77
N VAL B 70 -14.38 -12.91 -5.26
CA VAL B 70 -13.20 -12.37 -4.62
C VAL B 70 -11.96 -13.00 -5.22
N LYS B 71 -10.97 -12.17 -5.51
CA LYS B 71 -9.73 -12.64 -6.10
C LYS B 71 -8.59 -11.72 -5.70
N LEU B 72 -7.38 -12.16 -6.00
CA LEU B 72 -6.20 -11.31 -5.88
C LEU B 72 -5.80 -10.83 -7.26
N SER B 73 -5.27 -9.63 -7.33
CA SER B 73 -4.82 -9.02 -8.58
C SER B 73 -3.52 -9.61 -9.06
N ALA B 74 -2.80 -10.23 -8.15
CA ALA B 74 -1.49 -10.78 -8.43
C ALA B 74 -1.13 -11.70 -7.29
N ASP B 75 -0.26 -12.67 -7.55
CA ASP B 75 0.21 -13.56 -6.49
C ASP B 75 1.04 -12.72 -5.51
N PRO B 76 0.63 -12.66 -4.23
CA PRO B 76 1.35 -11.76 -3.35
C PRO B 76 2.64 -12.40 -2.82
N VAL B 77 3.71 -11.61 -2.83
N VAL B 77 3.68 -11.58 -2.72
CA VAL B 77 5.01 -12.04 -2.32
CA VAL B 77 4.99 -12.03 -2.30
C VAL B 77 5.64 -10.90 -1.55
C VAL B 77 5.68 -10.89 -1.60
N LEU B 78 6.43 -11.22 -0.55
CA LEU B 78 7.21 -10.21 0.18
C LEU B 78 8.66 -10.34 -0.31
N SER B 79 9.17 -9.24 -0.84
CA SER B 79 10.52 -9.19 -1.39
C SER B 79 11.45 -8.51 -0.39
N ASN B 80 12.62 -9.12 -0.17
CA ASN B 80 13.63 -8.54 0.70
C ASN B 80 13.99 -7.15 0.20
N VAL B 81 14.03 -6.17 1.10
CA VAL B 81 14.24 -4.78 0.67
C VAL B 81 15.64 -4.50 0.11
N LEU B 82 16.62 -5.32 0.47
CA LEU B 82 17.99 -5.15 -0.05
C LEU B 82 18.25 -6.03 -1.26
N ASN B 83 17.53 -7.15 -1.36
CA ASN B 83 17.62 -8.02 -2.53
C ASN B 83 16.23 -8.54 -2.92
N PRO B 84 15.51 -7.78 -3.76
CA PRO B 84 14.13 -8.12 -4.07
C PRO B 84 13.92 -9.42 -4.84
N THR B 85 15.01 -10.09 -5.18
CA THR B 85 14.96 -11.44 -5.77
C THR B 85 14.64 -12.51 -4.71
N LEU B 86 15.01 -12.24 -3.46
CA LEU B 86 14.70 -13.08 -2.33
C LEU B 86 13.26 -12.83 -1.90
N GLN B 87 12.40 -13.84 -2.08
CA GLN B 87 10.97 -13.63 -2.01
C GLN B 87 10.26 -14.66 -1.14
N ILE B 88 9.37 -14.19 -0.27
CA ILE B 88 8.55 -15.04 0.59
C ILE B 88 7.11 -15.05 0.09
N PRO B 89 6.56 -16.25 -0.23
CA PRO B 89 5.19 -16.28 -0.72
C PRO B 89 4.16 -16.02 0.37
N VAL B 90 3.11 -15.29 0.02
CA VAL B 90 2.05 -14.93 0.95
C VAL B 90 0.75 -15.62 0.56
N SER B 91 0.12 -16.26 1.54
CA SER B 91 -1.16 -16.96 1.43
C SER B 91 -2.24 -15.98 1.92
N VAL B 92 -3.42 -15.95 1.30
CA VAL B 92 -4.50 -15.09 1.77
C VAL B 92 -5.77 -15.94 1.78
N ASN B 93 -6.50 -15.92 2.89
CA ASN B 93 -7.73 -16.67 2.99
C ASN B 93 -8.83 -15.74 3.35
N PHE B 94 -10.02 -16.01 2.84
CA PHE B 94 -11.18 -15.18 3.13
C PHE B 94 -12.41 -16.03 3.26
N ALA B 95 -13.14 -15.84 4.35
CA ALA B 95 -14.38 -16.53 4.58
C ALA B 95 -14.17 -18.03 4.52
N GLY B 96 -13.00 -18.49 4.99
CA GLY B 96 -12.65 -19.90 5.02
C GLY B 96 -12.30 -20.51 3.66
N LYS B 97 -11.91 -19.68 2.71
N LYS B 97 -11.95 -19.67 2.70
CA LYS B 97 -11.54 -20.12 1.37
CA LYS B 97 -11.55 -20.10 1.36
C LYS B 97 -10.24 -19.42 0.95
C LYS B 97 -10.23 -19.42 0.97
N PRO B 98 -9.32 -20.14 0.30
CA PRO B 98 -8.07 -19.52 -0.16
C PRO B 98 -8.34 -18.58 -1.34
N LEU B 99 -7.68 -17.43 -1.32
CA LEU B 99 -7.76 -16.53 -2.46
C LEU B 99 -6.58 -16.76 -3.42
N SER B 100 -6.83 -16.49 -4.70
CA SER B 100 -5.81 -16.62 -5.73
C SER B 100 -6.14 -15.61 -6.82
N THR B 101 -5.35 -15.62 -7.88
CA THR B 101 -5.68 -14.80 -9.05
C THR B 101 -6.92 -15.33 -9.77
N THR B 102 -7.33 -16.57 -9.48
CA THR B 102 -8.60 -17.11 -9.97
C THR B 102 -9.72 -16.75 -9.00
N GLY B 103 -10.78 -16.11 -9.50
CA GLY B 103 -11.90 -15.69 -8.65
C GLY B 103 -12.66 -16.87 -8.05
N ILE B 104 -13.00 -16.71 -6.76
CA ILE B 104 -13.93 -17.58 -6.07
C ILE B 104 -15.21 -16.83 -5.77
N THR B 105 -16.32 -17.56 -5.83
CA THR B 105 -17.62 -17.01 -5.53
C THR B 105 -18.03 -17.44 -4.13
N ILE B 106 -18.41 -16.47 -3.30
CA ILE B 106 -19.02 -16.75 -2.01
C ILE B 106 -20.53 -16.53 -2.15
N ASP B 107 -21.30 -17.60 -1.98
CA ASP B 107 -22.76 -17.53 -2.08
C ASP B 107 -23.35 -16.64 -0.99
N SER B 108 -24.43 -15.93 -1.34
CA SER B 108 -25.11 -15.03 -0.39
C SER B 108 -25.53 -15.76 0.89
N ASN B 109 -26.00 -17.00 0.76
CA ASN B 109 -26.41 -17.79 1.92
C ASN B 109 -25.29 -18.02 2.94
N ASP B 110 -24.05 -18.13 2.46
CA ASP B 110 -22.89 -18.30 3.34
C ASP B 110 -22.43 -16.99 3.97
N LEU B 111 -22.97 -15.86 3.49
CA LEU B 111 -22.65 -14.55 4.07
C LEU B 111 -23.62 -14.10 5.17
N ASN B 112 -24.74 -14.83 5.34
CA ASN B 112 -25.72 -14.53 6.40
C ASN B 112 -26.03 -13.03 6.55
N PHE B 113 -26.48 -12.42 5.45
CA PHE B 113 -26.73 -10.98 5.39
C PHE B 113 -27.83 -10.51 6.33
N ALA B 114 -27.51 -9.45 7.08
CA ALA B 114 -28.45 -8.77 7.97
C ALA B 114 -28.75 -7.39 7.36
N SER B 115 -29.94 -6.89 7.63
CA SER B 115 -30.37 -5.59 7.10
C SER B 115 -29.72 -4.47 7.92
N SER B 116 -28.86 -3.68 7.26
CA SER B 116 -28.35 -2.42 7.82
C SER B 116 -28.85 -1.22 6.99
N GLY B 117 -29.78 -0.45 7.55
CA GLY B 117 -30.42 0.64 6.81
C GLY B 117 -31.10 0.16 5.54
N VAL B 118 -30.70 0.73 4.40
CA VAL B 118 -31.25 0.31 3.11
C VAL B 118 -30.39 -0.77 2.46
N ASN B 119 -29.24 -1.03 3.05
CA ASN B 119 -28.31 -2.02 2.56
C ASN B 119 -28.14 -3.21 3.50
N LYS B 120 -27.18 -4.06 3.19
CA LYS B 120 -27.05 -5.36 3.81
C LYS B 120 -25.60 -5.59 4.20
N VAL B 121 -25.41 -6.16 5.37
CA VAL B 121 -24.08 -6.40 5.89
C VAL B 121 -23.99 -7.88 6.28
N SER B 122 -22.89 -8.52 5.91
CA SER B 122 -22.71 -9.96 6.21
C SER B 122 -22.41 -10.15 7.69
N SER B 123 -22.49 -11.40 8.16
CA SER B 123 -21.89 -11.76 9.44
C SER B 123 -20.38 -11.64 9.29
N THR B 124 -19.68 -11.66 10.42
CA THR B 124 -18.23 -11.50 10.41
C THR B 124 -17.53 -12.64 9.64
N GLN B 125 -16.56 -12.24 8.83
CA GLN B 125 -15.79 -13.13 7.97
C GLN B 125 -14.32 -12.89 8.24
N LYS B 126 -13.54 -13.96 8.35
CA LYS B 126 -12.11 -13.85 8.61
C LYS B 126 -11.36 -13.59 7.31
N LEU B 127 -10.51 -12.56 7.33
CA LEU B 127 -9.53 -12.33 6.30
C LEU B 127 -8.17 -12.57 6.95
N SER B 128 -7.42 -13.56 6.47
N SER B 128 -7.43 -13.56 6.44
CA SER B 128 -6.13 -13.86 7.07
CA SER B 128 -6.14 -13.92 7.04
C SER B 128 -5.01 -13.80 6.05
C SER B 128 -5.00 -13.79 6.02
N ILE B 129 -3.86 -13.31 6.49
CA ILE B 129 -2.67 -13.14 5.65
C ILE B 129 -1.50 -13.84 6.32
N HIS B 130 -0.82 -14.70 5.58
CA HIS B 130 0.34 -15.43 6.15
C HIS B 130 1.51 -15.54 5.20
N ALA B 131 2.67 -15.05 5.60
CA ALA B 131 3.88 -15.19 4.83
C ALA B 131 4.56 -16.49 5.24
N ASP B 132 4.83 -17.35 4.26
CA ASP B 132 5.38 -18.68 4.52
C ASP B 132 6.88 -18.66 4.33
N ALA B 133 7.59 -18.43 5.42
CA ALA B 133 9.03 -18.35 5.41
C ALA B 133 9.70 -19.65 4.94
N THR B 134 9.02 -20.77 5.08
CA THR B 134 9.60 -22.02 4.66
C THR B 134 9.74 -22.17 3.16
N ARG B 135 8.95 -21.40 2.40
CA ARG B 135 8.98 -21.50 0.95
C ARG B 135 9.62 -20.29 0.28
N VAL B 136 10.54 -19.67 1.00
CA VAL B 136 11.34 -18.56 0.44
C VAL B 136 12.03 -19.00 -0.87
N THR B 137 12.02 -18.12 -1.88
CA THR B 137 12.62 -18.41 -3.19
C THR B 137 13.69 -17.39 -3.53
N GLY B 138 14.61 -17.78 -4.40
CA GLY B 138 15.72 -16.92 -4.83
C GLY B 138 16.86 -16.80 -3.82
N GLY B 139 17.09 -17.86 -3.05
CA GLY B 139 18.10 -17.87 -2.00
C GLY B 139 17.49 -18.26 -0.67
N ALA B 140 18.33 -18.36 0.36
CA ALA B 140 17.90 -18.73 1.70
C ALA B 140 17.38 -17.54 2.49
N LEU B 141 16.50 -17.82 3.45
CA LEU B 141 15.90 -16.78 4.29
C LEU B 141 16.98 -16.11 5.15
N THR B 142 17.01 -14.78 5.09
CA THR B 142 17.99 -13.98 5.81
C THR B 142 17.28 -12.96 6.69
N ALA B 143 18.01 -12.43 7.68
CA ALA B 143 17.51 -11.37 8.53
C ALA B 143 17.32 -10.07 7.75
N GLY B 144 16.33 -9.28 8.15
CA GLY B 144 16.05 -7.98 7.52
C GLY B 144 14.59 -7.81 7.17
N GLN B 145 14.31 -6.82 6.34
CA GLN B 145 12.94 -6.42 6.03
C GLN B 145 12.49 -7.00 4.70
N TYR B 146 11.23 -7.43 4.65
CA TYR B 146 10.56 -7.94 3.47
C TYR B 146 9.28 -7.10 3.29
N GLN B 147 8.91 -6.81 2.04
CA GLN B 147 7.76 -5.96 1.71
C GLN B 147 7.05 -6.45 0.48
N GLY B 148 5.73 -6.33 0.49
CA GLY B 148 4.95 -6.57 -0.71
C GLY B 148 3.54 -6.04 -0.57
N LEU B 149 2.78 -6.07 -1.65
CA LEU B 149 1.36 -5.69 -1.63
C LEU B 149 0.44 -6.90 -1.71
N VAL B 150 -0.63 -6.86 -0.95
CA VAL B 150 -1.77 -7.77 -1.13
C VAL B 150 -2.89 -6.91 -1.73
N SER B 151 -3.35 -7.27 -2.94
CA SER B 151 -4.38 -6.53 -3.66
C SER B 151 -5.59 -7.44 -3.82
N ILE B 152 -6.68 -7.13 -3.13
CA ILE B 152 -7.91 -7.92 -3.17
C ILE B 152 -8.93 -7.18 -4.04
N ILE B 153 -9.48 -7.89 -5.02
CA ILE B 153 -10.55 -7.37 -5.87
C ILE B 153 -11.84 -8.08 -5.53
N LEU B 154 -12.88 -7.30 -5.26
CA LEU B 154 -14.22 -7.84 -4.96
C LEU B 154 -15.21 -7.30 -5.97
N THR B 155 -16.11 -8.18 -6.42
N THR B 155 -16.16 -8.15 -6.34
CA THR B 155 -17.21 -7.80 -7.29
CA THR B 155 -17.20 -7.79 -7.28
C THR B 155 -18.47 -8.44 -6.74
C THR B 155 -18.48 -8.49 -6.84
N LYS B 156 -19.63 -7.86 -7.04
CA LYS B 156 -20.90 -8.50 -6.73
C LYS B 156 -21.06 -9.60 -7.78
N SER B 157 -21.63 -10.74 -7.39
CA SER B 157 -21.92 -11.77 -8.38
C SER B 157 -22.80 -11.24 -9.49
N THR B 158 -22.48 -11.61 -10.73
CA THR B 158 -23.19 -11.18 -11.97
C THR B 158 -22.97 -9.71 -12.37
N ASP B 159 -22.13 -9.00 -11.62
CA ASP B 159 -21.77 -7.63 -11.94
C ASP B 159 -20.26 -7.57 -12.24
N ASN B 160 -19.82 -6.49 -12.88
CA ASN B 160 -18.40 -6.34 -13.23
C ASN B 160 -17.65 -5.23 -12.51
N LYS B 161 -18.35 -4.44 -11.72
CA LYS B 161 -17.70 -3.27 -11.10
C LYS B 161 -16.79 -3.71 -9.97
N GLN B 162 -15.48 -3.50 -10.12
CA GLN B 162 -14.49 -3.97 -9.15
C GLN B 162 -14.27 -2.99 -8.03
N VAL B 163 -14.14 -3.50 -6.80
CA VAL B 163 -13.58 -2.69 -5.70
C VAL B 163 -12.24 -3.29 -5.38
N GLU B 164 -11.21 -2.46 -5.32
CA GLU B 164 -9.85 -2.94 -5.04
C GLU B 164 -9.40 -2.49 -3.65
N LYS B 165 -8.94 -3.44 -2.84
CA LYS B 165 -8.40 -3.18 -1.51
C LYS B 165 -6.92 -3.48 -1.58
N THR B 166 -6.09 -2.49 -1.31
CA THR B 166 -4.63 -2.58 -1.36
C THR B 166 -4.14 -2.63 0.08
N ILE B 167 -3.38 -3.67 0.43
CA ILE B 167 -2.77 -3.78 1.77
C ILE B 167 -1.26 -3.91 1.60
N SER B 168 -0.53 -2.93 2.12
CA SER B 168 0.94 -2.98 2.05
C SER B 168 1.42 -3.82 3.21
N VAL B 169 2.11 -4.92 2.92
CA VAL B 169 2.56 -5.80 3.97
C VAL B 169 4.07 -5.68 4.18
N THR B 170 4.47 -5.61 5.45
N THR B 170 4.47 -5.69 5.45
CA THR B 170 5.88 -5.60 5.84
CA THR B 170 5.86 -5.62 5.82
C THR B 170 6.12 -6.72 6.83
C THR B 170 6.15 -6.68 6.88
N ALA B 171 7.34 -7.26 6.80
CA ALA B 171 7.72 -8.35 7.69
C ALA B 171 9.22 -8.20 7.95
N SER B 172 9.58 -8.27 9.22
CA SER B 172 10.98 -8.19 9.64
C SER B 172 11.38 -9.55 10.19
N VAL B 173 12.53 -10.05 9.73
CA VAL B 173 13.15 -11.22 10.31
C VAL B 173 14.28 -10.74 11.21
N ASP B 174 14.22 -11.10 12.50
CA ASP B 174 15.23 -10.69 13.47
C ASP B 174 16.40 -11.66 13.44
N PRO B 175 17.64 -11.13 13.42
CA PRO B 175 18.95 -11.78 13.32
C PRO B 175 19.15 -12.86 14.37
N1 IMD C . 23.75 -1.31 -8.71
C2 IMD C . 24.46 -0.20 -8.94
N3 IMD C . 24.33 0.13 -10.24
C4 IMD C . 23.54 -0.80 -10.83
C5 IMD C . 23.19 -1.70 -9.87
NA NA D . 6.72 -25.62 4.05
#